data_1E6X
#
_entry.id   1E6X
#
_cell.length_a   135.300
_cell.length_b   137.200
_cell.length_c   80.600
_cell.angle_alpha   90.00
_cell.angle_beta   90.00
_cell.angle_gamma   90.00
#
_symmetry.space_group_name_H-M   'C 2 2 21'
#
loop_
_entity.id
_entity.type
_entity.pdbx_description
1 polymer 'MYROSINASE MA1'
2 branched 2-acetamido-2-deoxy-beta-D-glucopyranose-(1-4)-2-acetamido-2-deoxy-beta-D-glucopyranose
3 branched beta-D-xylopyranose-(1-2)-beta-D-mannopyranose-(1-4)-2-acetamido-2-deoxy-beta-D-glucopyranose-(1-4)-[alpha-L-fucopyranose-(1-3)]2-acetamido-2-deoxy-beta-D-glucopyranose
4 branched beta-D-xylopyranose-(1-2)-[alpha-D-mannopyranose-(1-3)]beta-D-mannopyranose-(1-4)-2-acetamido-2-deoxy-beta-D-glucopyranose-(1-4)-[alpha-L-fucopyranose-(1-3)]2-acetamido-2-deoxy-beta-D-glucopyranose
5 non-polymer 2-acetamido-2-deoxy-beta-D-glucopyranose
6 non-polymer D-glucono-1,5-lactone
7 non-polymer 'ZINC ION'
8 non-polymer 'SULFATE ION'
9 non-polymer GLYCEROL
10 water water
#
_entity_poly.entity_id   1
_entity_poly.type   'polypeptide(L)'
_entity_poly.pdbx_seq_one_letter_code
;DEEITCQENLPFTCGNTDALNSSSFSSDFIFGVASSAYQIEGTIGRGLNIWDGFTHRYPNKSGPDHGNGDTTCDSFSYWQ
KDIDVLDELNATGYRFSIAWSRIIPRGKRSRGVNEKGIDYYHGLISGLIKKGITPFVTLFHWDLPQTLQDEYEGFLDPQI
IDDFKDYADLCFEEFGDSVKYWLTINQLYSVPTRGYGSALDAPGRCSPTVDPSCYAGNSSTEPYIVAHHQLLAHAKVVDL
YRKNYTHQGGKIGPTMITRWFLPYNDTDRHSIAATERMKEFFLGWFMGPLTNGTYPQIMIDTVGERLPSFSPEESNLVKG
SYDFLGLNYYFTQYAQPSPNPVNSTNHTAMMDAGAKLTYINASGHYIGPLFEKDKADSTDNIYYYPKGIYSVMDYFKNKY
YNPLIYVTENGISTPGDENRNQSMLDYTRIDYLCSHLCFLNKVIKEKDVNVKGYLAWALGDNYEFNKGFTVRFGLSYIDW
NNVTDRDLKKSGQWYQSFISP
;
_entity_poly.pdbx_strand_id   M
#
loop_
_chem_comp.id
_chem_comp.type
_chem_comp.name
_chem_comp.formula
BMA D-saccharide, beta linking beta-D-mannopyranose 'C6 H12 O6'
FUC L-saccharide, alpha linking alpha-L-fucopyranose 'C6 H12 O5'
GOL non-polymer GLYCEROL 'C3 H8 O3'
LGC D-saccharide D-glucono-1,5-lactone 'C6 H10 O6'
MAN D-saccharide, alpha linking alpha-D-mannopyranose 'C6 H12 O6'
NAG D-saccharide, beta linking 2-acetamido-2-deoxy-beta-D-glucopyranose 'C8 H15 N O6'
SO4 non-polymer 'SULFATE ION' 'O4 S -2'
XYP D-saccharide, beta linking beta-D-xylopyranose 'C5 H10 O5'
ZN non-polymer 'ZINC ION' 'Zn 2'
#
# COMPACT_ATOMS: atom_id res chain seq x y z
N GLU A 3 29.47 -8.98 10.33
CA GLU A 3 28.39 -8.34 11.13
C GLU A 3 28.00 -7.00 10.50
N ILE A 4 26.69 -6.88 10.27
CA ILE A 4 26.13 -5.68 9.67
C ILE A 4 25.63 -4.66 10.68
N THR A 5 26.06 -3.44 10.43
CA THR A 5 25.66 -2.32 11.29
C THR A 5 24.86 -1.36 10.41
N CYS A 6 23.72 -0.94 10.88
CA CYS A 6 22.88 0.02 10.19
C CYS A 6 22.59 1.19 11.11
N GLN A 7 22.50 2.37 10.53
CA GLN A 7 22.21 3.59 11.24
C GLN A 7 20.72 3.78 11.43
N GLU A 8 20.38 4.41 12.57
CA GLU A 8 19.04 4.75 12.92
C GLU A 8 18.77 6.23 12.92
N ASN A 9 19.84 7.04 13.03
CA ASN A 9 19.69 8.49 13.14
C ASN A 9 20.55 9.23 12.14
N LEU A 10 20.15 10.43 11.76
CA LEU A 10 21.00 11.27 10.92
C LEU A 10 22.31 11.55 11.64
N PRO A 11 23.40 11.69 10.89
CA PRO A 11 23.45 11.54 9.46
C PRO A 11 23.65 10.08 9.05
N PHE A 12 23.18 9.76 7.86
CA PHE A 12 23.33 8.42 7.31
C PHE A 12 24.51 8.44 6.34
N THR A 13 25.15 7.25 6.23
CA THR A 13 26.24 7.12 5.27
C THR A 13 26.00 5.99 4.25
N CYS A 14 24.76 5.48 4.25
CA CYS A 14 24.39 4.37 3.38
C CYS A 14 24.16 4.74 1.91
N GLY A 15 24.38 6.02 1.57
CA GLY A 15 24.22 6.43 0.19
C GLY A 15 25.48 6.12 -0.62
N ASN A 16 26.54 5.59 0.00
CA ASN A 16 27.77 5.26 -0.68
C ASN A 16 27.65 3.83 -1.16
N THR A 17 27.61 3.65 -2.49
CA THR A 17 27.41 2.32 -3.05
C THR A 17 28.63 1.42 -2.92
N ASP A 18 29.72 1.95 -2.38
CA ASP A 18 30.86 1.12 -2.05
C ASP A 18 30.51 0.30 -0.80
N ALA A 19 29.61 0.79 0.03
CA ALA A 19 29.24 0.13 1.27
C ALA A 19 27.94 -0.64 1.23
N LEU A 20 27.01 -0.26 0.36
CA LEU A 20 25.70 -0.91 0.27
C LEU A 20 25.26 -0.85 -1.19
N ASN A 21 24.94 -2.02 -1.78
CA ASN A 21 24.48 -2.06 -3.15
C ASN A 21 23.74 -3.35 -3.36
N SER A 22 23.26 -3.59 -4.58
CA SER A 22 22.51 -4.79 -4.86
C SER A 22 23.29 -6.10 -4.65
N SER A 23 24.60 -6.07 -4.78
CA SER A 23 25.44 -7.23 -4.54
C SER A 23 25.48 -7.59 -3.06
N SER A 24 25.02 -6.70 -2.18
CA SER A 24 24.92 -7.01 -0.77
C SER A 24 23.88 -8.10 -0.57
N PHE A 25 22.86 -8.14 -1.46
CA PHE A 25 21.73 -9.04 -1.40
C PHE A 25 21.91 -10.30 -2.22
N SER A 26 21.07 -11.32 -2.13
CA SER A 26 21.24 -12.56 -2.93
C SER A 26 21.14 -12.21 -4.40
N SER A 27 21.75 -13.00 -5.28
CA SER A 27 21.73 -12.68 -6.70
C SER A 27 20.35 -12.66 -7.33
N ASP A 28 19.38 -13.41 -6.85
CA ASP A 28 18.08 -13.40 -7.52
C ASP A 28 17.17 -12.30 -6.96
N PHE A 29 17.65 -11.49 -6.04
CA PHE A 29 16.75 -10.48 -5.43
C PHE A 29 16.27 -9.49 -6.45
N ILE A 30 15.00 -9.11 -6.41
CA ILE A 30 14.43 -8.15 -7.34
C ILE A 30 14.42 -6.73 -6.80
N PHE A 31 14.88 -5.79 -7.61
CA PHE A 31 14.86 -4.38 -7.24
C PHE A 31 14.03 -3.61 -8.26
N GLY A 32 13.15 -2.71 -7.79
CA GLY A 32 12.43 -1.88 -8.75
C GLY A 32 11.73 -0.79 -7.95
N VAL A 33 10.67 -0.37 -8.64
CA VAL A 33 9.78 0.71 -8.10
C VAL A 33 8.34 0.33 -8.35
N ALA A 34 7.44 1.16 -7.81
CA ALA A 34 6.01 0.86 -7.83
C ALA A 34 5.18 2.10 -8.19
N SER A 35 3.98 1.81 -8.62
CA SER A 35 3.00 2.83 -8.98
C SER A 35 1.60 2.25 -8.78
N SER A 36 0.57 3.13 -9.04
CA SER A 36 -0.80 2.65 -9.04
C SER A 36 -1.62 3.43 -10.09
N ALA A 37 -2.58 2.78 -10.68
CA ALA A 37 -3.32 3.27 -11.85
C ALA A 37 -4.03 4.59 -11.66
N TYR A 38 -4.72 4.77 -10.55
CA TYR A 38 -5.41 6.04 -10.38
C TYR A 38 -4.41 7.20 -10.32
N GLN A 39 -3.24 6.85 -9.72
CA GLN A 39 -2.25 7.89 -9.45
C GLN A 39 -1.50 8.33 -10.69
N ILE A 40 -1.36 7.47 -11.70
CA ILE A 40 -0.53 7.78 -12.85
C ILE A 40 -1.21 7.83 -14.22
N GLU A 41 -2.33 7.15 -14.46
CA GLU A 41 -2.78 7.01 -15.80
C GLU A 41 -3.54 8.17 -16.40
N GLY A 42 -4.48 8.69 -15.64
CA GLY A 42 -5.45 9.61 -16.18
C GLY A 42 -6.72 8.85 -16.52
N THR A 43 -7.85 9.65 -16.67
CA THR A 43 -9.13 9.08 -16.90
C THR A 43 -9.35 8.75 -18.37
N ILE A 44 -8.58 9.26 -19.29
CA ILE A 44 -8.71 8.98 -20.72
C ILE A 44 -8.79 7.48 -20.93
N GLY A 45 -9.80 7.03 -21.66
CA GLY A 45 -9.89 5.63 -22.05
C GLY A 45 -10.45 4.69 -20.96
N ARG A 46 -10.92 5.25 -19.85
CA ARG A 46 -11.51 4.38 -18.85
C ARG A 46 -12.81 4.94 -18.26
N GLY A 47 -13.57 4.03 -17.63
CA GLY A 47 -14.77 4.48 -16.91
C GLY A 47 -14.39 5.19 -15.60
N LEU A 48 -15.41 5.60 -14.85
CA LEU A 48 -15.16 6.30 -13.60
C LEU A 48 -15.20 5.37 -12.40
N ASN A 49 -14.32 5.72 -11.47
CA ASN A 49 -14.22 4.94 -10.22
C ASN A 49 -14.43 5.80 -8.98
N ILE A 50 -14.42 5.16 -7.79
CA ILE A 50 -14.73 5.89 -6.58
C ILE A 50 -13.66 6.91 -6.21
N TRP A 51 -12.42 6.83 -6.74
CA TRP A 51 -11.47 7.92 -6.47
C TRP A 51 -11.80 9.09 -7.38
N ASP A 52 -12.26 8.90 -8.60
CA ASP A 52 -12.80 10.01 -9.38
C ASP A 52 -13.97 10.56 -8.55
N GLY A 53 -14.89 9.67 -8.09
CA GLY A 53 -16.10 10.17 -7.42
C GLY A 53 -15.83 10.99 -6.18
N PHE A 54 -14.97 10.44 -5.34
CA PHE A 54 -14.64 11.08 -4.05
C PHE A 54 -13.90 12.37 -4.26
N THR A 55 -12.90 12.39 -5.16
CA THR A 55 -12.12 13.61 -5.34
C THR A 55 -12.99 14.74 -5.96
N HIS A 56 -14.00 14.40 -6.73
CA HIS A 56 -14.86 15.37 -7.36
C HIS A 56 -15.97 15.80 -6.43
N ARG A 57 -16.52 14.90 -5.62
CA ARG A 57 -17.59 15.24 -4.71
C ARG A 57 -17.06 16.00 -3.50
N TYR A 58 -15.90 15.59 -3.02
CA TYR A 58 -15.28 16.21 -1.84
C TYR A 58 -13.90 16.77 -2.15
N PRO A 59 -13.81 17.79 -2.95
CA PRO A 59 -12.53 18.32 -3.44
C PRO A 59 -11.51 18.66 -2.36
N ASN A 60 -11.99 19.15 -1.21
CA ASN A 60 -11.01 19.47 -0.16
C ASN A 60 -10.45 18.20 0.48
N LYS A 61 -11.02 17.02 0.22
CA LYS A 61 -10.40 15.80 0.73
C LYS A 61 -9.46 15.17 -0.31
N SER A 62 -9.48 15.67 -1.55
CA SER A 62 -8.60 15.09 -2.59
C SER A 62 -7.15 15.50 -2.36
N GLY A 63 -6.94 16.68 -1.79
CA GLY A 63 -5.68 17.28 -1.47
C GLY A 63 -5.87 18.75 -1.15
N PRO A 64 -4.93 19.43 -0.50
CA PRO A 64 -5.07 20.87 -0.26
C PRO A 64 -5.17 21.70 -1.53
N ASP A 65 -4.62 21.23 -2.65
CA ASP A 65 -4.69 21.91 -3.93
C ASP A 65 -5.90 21.46 -4.73
N HIS A 66 -6.77 20.60 -4.19
CA HIS A 66 -7.89 20.01 -4.85
C HIS A 66 -7.47 19.20 -6.08
N GLY A 67 -6.25 18.73 -6.13
CA GLY A 67 -5.74 17.96 -7.25
C GLY A 67 -6.33 16.57 -7.27
N ASN A 68 -6.36 16.00 -8.48
CA ASN A 68 -6.96 14.67 -8.64
C ASN A 68 -6.24 13.91 -9.75
N GLY A 69 -6.67 12.71 -10.05
CA GLY A 69 -6.04 11.86 -11.05
C GLY A 69 -6.59 12.04 -12.45
N ASP A 70 -7.27 13.16 -12.73
CA ASP A 70 -7.79 13.30 -14.09
C ASP A 70 -6.75 13.13 -15.19
N THR A 71 -5.65 13.86 -15.03
CA THR A 71 -4.62 13.74 -16.10
C THR A 71 -3.33 13.21 -15.50
N THR A 72 -2.96 13.76 -14.31
CA THR A 72 -1.76 13.32 -13.62
C THR A 72 -0.56 13.21 -14.51
N CYS A 73 0.30 12.19 -14.45
CA CYS A 73 1.47 12.12 -15.29
C CYS A 73 1.20 11.47 -16.63
N ASP A 74 -0.10 11.23 -16.89
CA ASP A 74 -0.51 10.70 -18.21
C ASP A 74 0.31 9.50 -18.65
N SER A 75 0.32 8.49 -17.76
CA SER A 75 0.93 7.20 -18.11
C SER A 75 0.03 6.42 -19.05
N PHE A 76 -1.17 6.88 -19.34
CA PHE A 76 -1.93 6.28 -20.44
C PHE A 76 -1.15 6.57 -21.75
N SER A 77 -0.77 7.83 -21.94
CA SER A 77 -0.03 8.21 -23.12
C SER A 77 1.44 7.83 -23.02
N TYR A 78 2.03 7.99 -21.88
CA TYR A 78 3.46 7.89 -21.70
C TYR A 78 3.95 6.66 -21.00
N TRP A 79 3.25 5.54 -21.13
CA TRP A 79 3.72 4.31 -20.51
C TRP A 79 5.12 3.93 -20.96
N GLN A 80 5.44 4.25 -22.23
CA GLN A 80 6.76 3.88 -22.71
C GLN A 80 7.85 4.64 -21.95
N LYS A 81 7.57 5.88 -21.51
CA LYS A 81 8.52 6.68 -20.75
C LYS A 81 8.67 6.05 -19.37
N ASP A 82 7.62 5.39 -18.87
CA ASP A 82 7.79 4.72 -17.55
C ASP A 82 8.78 3.55 -17.73
N ILE A 83 8.56 2.76 -18.81
CA ILE A 83 9.46 1.67 -19.12
C ILE A 83 10.88 2.22 -19.26
N ASP A 84 11.05 3.37 -19.93
CA ASP A 84 12.36 3.98 -20.09
C ASP A 84 13.04 4.32 -18.78
N VAL A 85 12.31 4.75 -17.77
CA VAL A 85 12.82 5.02 -16.43
C VAL A 85 13.36 3.73 -15.84
N LEU A 86 12.54 2.67 -15.96
CA LEU A 86 12.90 1.38 -15.40
C LEU A 86 14.14 0.80 -16.07
N ASP A 87 14.16 0.99 -17.42
CA ASP A 87 15.34 0.52 -18.19
C ASP A 87 16.59 1.28 -17.77
N GLU A 88 16.50 2.58 -17.57
CA GLU A 88 17.59 3.41 -17.08
C GLU A 88 18.07 2.95 -15.72
N LEU A 89 17.12 2.55 -14.85
CA LEU A 89 17.50 2.07 -13.53
C LEU A 89 18.16 0.69 -13.57
N ASN A 90 17.98 -0.07 -14.64
CA ASN A 90 18.32 -1.46 -14.72
C ASN A 90 17.47 -2.27 -13.71
N ALA A 91 16.25 -1.80 -13.48
CA ALA A 91 15.31 -2.42 -12.55
C ALA A 91 14.94 -3.78 -13.08
N THR A 92 14.75 -4.70 -12.14
CA THR A 92 14.30 -6.04 -12.46
C THR A 92 12.87 -6.25 -12.01
N GLY A 93 12.14 -5.27 -11.43
CA GLY A 93 10.75 -5.45 -11.11
C GLY A 93 10.07 -4.07 -11.20
N TYR A 94 8.80 -4.17 -11.56
CA TYR A 94 7.91 -3.01 -11.57
C TYR A 94 6.57 -3.40 -11.00
N ARG A 95 6.06 -2.72 -9.99
CA ARG A 95 4.77 -3.03 -9.46
C ARG A 95 3.83 -1.91 -9.96
N PHE A 96 2.84 -2.31 -10.69
CA PHE A 96 1.82 -1.34 -11.16
C PHE A 96 0.48 -1.99 -10.93
N SER A 97 -0.61 -1.14 -11.08
CA SER A 97 -1.91 -1.73 -10.88
C SER A 97 -2.75 -1.65 -12.14
N ILE A 98 -3.69 -2.56 -12.29
CA ILE A 98 -4.67 -2.46 -13.37
C ILE A 98 -5.86 -1.68 -12.80
N ALA A 99 -6.34 -0.78 -13.64
CA ALA A 99 -7.54 0.00 -13.29
C ALA A 99 -8.72 -0.86 -13.71
N TRP A 100 -9.52 -1.35 -12.79
CA TRP A 100 -10.67 -2.17 -13.09
C TRP A 100 -11.57 -1.39 -14.05
N SER A 101 -11.72 -0.10 -13.88
CA SER A 101 -12.58 0.72 -14.74
C SER A 101 -12.00 0.91 -16.12
N ARG A 102 -10.73 0.53 -16.38
CA ARG A 102 -10.15 0.60 -17.71
C ARG A 102 -10.50 -0.66 -18.48
N ILE A 103 -10.59 -1.82 -17.84
CA ILE A 103 -10.91 -3.04 -18.57
C ILE A 103 -12.33 -3.49 -18.46
N ILE A 104 -13.08 -3.17 -17.41
CA ILE A 104 -14.47 -3.43 -17.25
C ILE A 104 -15.09 -2.12 -16.73
N PRO A 105 -15.27 -1.15 -17.61
CA PRO A 105 -15.85 0.11 -17.23
C PRO A 105 -17.16 -0.04 -16.47
N ARG A 106 -18.02 -0.99 -16.83
CA ARG A 106 -19.32 -1.13 -16.19
C ARG A 106 -19.27 -2.02 -14.95
N GLY A 107 -18.05 -2.35 -14.51
CA GLY A 107 -17.89 -3.09 -13.23
C GLY A 107 -18.14 -4.56 -13.33
N LYS A 108 -19.28 -5.03 -13.68
CA LYS A 108 -19.66 -6.44 -13.82
C LYS A 108 -19.22 -6.93 -15.21
N ARG A 109 -18.39 -7.96 -15.23
CA ARG A 109 -17.82 -8.50 -16.44
C ARG A 109 -18.83 -8.82 -17.52
N SER A 110 -19.99 -9.38 -17.16
CA SER A 110 -21.03 -9.73 -18.14
C SER A 110 -21.57 -8.54 -18.95
N ARG A 111 -21.32 -7.32 -18.43
CA ARG A 111 -21.70 -6.12 -19.13
C ARG A 111 -20.73 -5.71 -20.24
N GLY A 112 -19.63 -6.46 -20.41
CA GLY A 112 -18.71 -6.22 -21.51
C GLY A 112 -17.34 -5.76 -21.04
N VAL A 113 -16.34 -5.96 -21.86
CA VAL A 113 -15.00 -5.57 -21.59
C VAL A 113 -14.57 -4.49 -22.59
N ASN A 114 -13.61 -3.70 -22.19
CA ASN A 114 -13.02 -2.65 -23.02
C ASN A 114 -11.75 -3.24 -23.62
N GLU A 115 -11.89 -3.67 -24.90
CA GLU A 115 -10.74 -4.33 -25.56
C GLU A 115 -9.56 -3.38 -25.71
N LYS A 116 -9.79 -2.09 -25.88
CA LYS A 116 -8.69 -1.11 -25.96
C LYS A 116 -7.94 -0.98 -24.61
N GLY A 117 -8.70 -1.13 -23.52
CA GLY A 117 -8.08 -1.09 -22.18
C GLY A 117 -7.18 -2.29 -21.99
N ILE A 118 -7.71 -3.47 -22.42
CA ILE A 118 -6.90 -4.72 -22.34
C ILE A 118 -5.62 -4.54 -23.13
N ASP A 119 -5.76 -3.95 -24.36
CA ASP A 119 -4.58 -3.73 -25.19
C ASP A 119 -3.54 -2.81 -24.58
N TYR A 120 -4.00 -1.81 -23.80
CA TYR A 120 -3.08 -0.92 -23.10
C TYR A 120 -2.17 -1.73 -22.14
N TYR A 121 -2.79 -2.60 -21.35
CA TYR A 121 -1.97 -3.38 -20.39
C TYR A 121 -1.13 -4.37 -21.15
N HIS A 122 -1.69 -4.98 -22.24
CA HIS A 122 -0.84 -5.91 -22.98
C HIS A 122 0.44 -5.24 -23.49
N GLY A 123 0.32 -4.02 -24.00
CA GLY A 123 1.47 -3.30 -24.54
C GLY A 123 2.49 -2.96 -23.43
N LEU A 124 1.99 -2.59 -22.25
CA LEU A 124 2.85 -2.29 -21.11
C LEU A 124 3.64 -3.53 -20.70
N ILE A 125 2.88 -4.61 -20.50
CA ILE A 125 3.44 -5.88 -20.00
C ILE A 125 4.51 -6.36 -20.99
N SER A 126 4.16 -6.36 -22.30
CA SER A 126 5.13 -6.80 -23.29
C SER A 126 6.40 -5.93 -23.32
N GLY A 127 6.24 -4.65 -23.11
CA GLY A 127 7.37 -3.74 -23.11
C GLY A 127 8.21 -3.96 -21.84
N LEU A 128 7.55 -4.26 -20.69
CA LEU A 128 8.38 -4.54 -19.52
C LEU A 128 9.21 -5.79 -19.74
N ILE A 129 8.52 -6.90 -20.14
CA ILE A 129 9.26 -8.16 -20.28
C ILE A 129 10.37 -8.00 -21.27
N LYS A 130 10.14 -7.27 -22.35
CA LYS A 130 11.21 -7.08 -23.35
C LYS A 130 12.44 -6.39 -22.82
N LYS A 131 12.38 -5.66 -21.73
CA LYS A 131 13.50 -5.02 -21.10
C LYS A 131 13.96 -5.79 -19.86
N GLY A 132 13.44 -7.00 -19.67
CA GLY A 132 13.86 -7.80 -18.51
C GLY A 132 13.28 -7.42 -17.17
N ILE A 133 12.15 -6.74 -17.17
CA ILE A 133 11.50 -6.28 -15.94
C ILE A 133 10.36 -7.21 -15.61
N THR A 134 10.36 -7.71 -14.38
CA THR A 134 9.29 -8.59 -13.92
C THR A 134 8.08 -7.79 -13.40
N PRO A 135 6.93 -7.93 -14.01
CA PRO A 135 5.77 -7.22 -13.48
C PRO A 135 5.27 -7.83 -12.18
N PHE A 136 4.84 -6.97 -11.24
CA PHE A 136 4.13 -7.34 -10.03
C PHE A 136 2.80 -6.53 -10.14
N VAL A 137 1.71 -7.20 -10.41
CA VAL A 137 0.49 -6.44 -10.77
C VAL A 137 -0.56 -6.52 -9.70
N THR A 138 -0.97 -5.33 -9.28
CA THR A 138 -2.01 -5.19 -8.27
C THR A 138 -3.37 -5.13 -9.00
N LEU A 139 -4.28 -6.08 -8.67
CA LEU A 139 -5.58 -6.07 -9.30
C LEU A 139 -6.40 -4.92 -8.81
N PHE A 140 -6.32 -4.59 -7.53
CA PHE A 140 -7.21 -3.59 -6.97
C PHE A 140 -6.44 -2.65 -6.04
N HIS A 141 -6.06 -1.52 -6.60
CA HIS A 141 -5.42 -0.43 -5.82
C HIS A 141 -6.46 0.69 -5.64
N TRP A 142 -7.58 0.31 -4.99
CA TRP A 142 -8.61 1.17 -4.43
C TRP A 142 -9.62 1.76 -5.40
N ASP A 143 -9.31 1.71 -6.66
CA ASP A 143 -10.10 2.40 -7.72
C ASP A 143 -11.28 1.57 -8.19
N LEU A 144 -12.27 1.38 -7.30
CA LEU A 144 -13.41 0.57 -7.63
C LEU A 144 -14.30 1.30 -8.63
N PRO A 145 -14.80 0.65 -9.63
CA PRO A 145 -15.81 1.27 -10.53
C PRO A 145 -16.91 1.93 -9.72
N GLN A 146 -17.26 3.14 -10.08
CA GLN A 146 -18.26 3.94 -9.35
C GLN A 146 -19.60 3.22 -9.32
N THR A 147 -19.98 2.60 -10.46
CA THR A 147 -21.21 1.80 -10.62
C THR A 147 -21.39 0.84 -9.48
N LEU A 148 -20.32 0.12 -9.08
CA LEU A 148 -20.43 -0.88 -8.00
C LEU A 148 -20.68 -0.23 -6.66
N GLN A 149 -20.05 0.90 -6.41
CA GLN A 149 -20.30 1.63 -5.16
C GLN A 149 -21.74 2.15 -5.16
N ASP A 150 -22.24 2.56 -6.31
CA ASP A 150 -23.62 3.09 -6.33
C ASP A 150 -24.67 1.97 -6.35
N GLU A 151 -24.36 0.81 -6.95
CA GLU A 151 -25.28 -0.30 -6.93
C GLU A 151 -25.48 -0.84 -5.51
N TYR A 152 -24.32 -1.12 -4.85
CA TYR A 152 -24.48 -1.83 -3.56
C TYR A 152 -23.48 -1.37 -2.53
N GLU A 153 -22.81 -0.26 -2.75
CA GLU A 153 -21.86 0.31 -1.78
C GLU A 153 -20.59 -0.57 -1.74
N GLY A 154 -20.23 -1.06 -2.92
CA GLY A 154 -18.94 -1.72 -3.06
C GLY A 154 -18.64 -2.75 -2.02
N PHE A 155 -17.48 -2.63 -1.37
CA PHE A 155 -17.05 -3.59 -0.35
C PHE A 155 -17.90 -3.64 0.90
N LEU A 156 -18.91 -2.78 1.02
CA LEU A 156 -19.84 -2.89 2.13
C LEU A 156 -20.73 -4.10 1.94
N ASP A 157 -20.90 -4.62 0.71
CA ASP A 157 -21.87 -5.66 0.45
C ASP A 157 -21.17 -6.91 -0.03
N PRO A 158 -21.73 -8.10 0.20
CA PRO A 158 -21.09 -9.34 -0.24
C PRO A 158 -21.15 -9.51 -1.73
N GLN A 159 -21.95 -8.72 -2.48
CA GLN A 159 -21.98 -8.78 -3.93
C GLN A 159 -20.63 -8.49 -4.53
N ILE A 160 -19.78 -7.75 -3.77
CA ILE A 160 -18.46 -7.42 -4.26
C ILE A 160 -17.65 -8.68 -4.57
N ILE A 161 -17.87 -9.75 -3.84
CA ILE A 161 -17.03 -10.95 -3.98
C ILE A 161 -17.05 -11.49 -5.41
N ASP A 162 -18.27 -11.72 -5.91
CA ASP A 162 -18.37 -12.29 -7.27
C ASP A 162 -17.94 -11.33 -8.36
N ASP A 163 -18.21 -10.02 -8.19
CA ASP A 163 -17.77 -9.03 -9.18
C ASP A 163 -16.26 -8.93 -9.20
N PHE A 164 -15.61 -8.97 -8.04
CA PHE A 164 -14.17 -8.93 -7.93
C PHE A 164 -13.59 -10.23 -8.55
N LYS A 165 -14.21 -11.37 -8.29
CA LYS A 165 -13.77 -12.67 -8.83
C LYS A 165 -13.77 -12.68 -10.35
N ASP A 166 -14.84 -12.16 -10.95
CA ASP A 166 -14.99 -12.13 -12.40
C ASP A 166 -14.02 -11.15 -13.02
N TYR A 167 -13.68 -10.06 -12.35
CA TYR A 167 -12.69 -9.15 -12.82
C TYR A 167 -11.28 -9.79 -12.81
N ALA A 168 -10.96 -10.43 -11.69
CA ALA A 168 -9.68 -11.10 -11.57
C ALA A 168 -9.54 -12.17 -12.62
N ASP A 169 -10.62 -12.93 -12.82
CA ASP A 169 -10.58 -14.00 -13.81
C ASP A 169 -10.17 -13.47 -15.17
N LEU A 170 -10.79 -12.35 -15.57
CA LEU A 170 -10.45 -11.70 -16.79
C LEU A 170 -8.97 -11.31 -16.88
N CYS A 171 -8.42 -10.77 -15.77
CA CYS A 171 -7.02 -10.37 -15.75
C CYS A 171 -6.13 -11.61 -15.87
N PHE A 172 -6.48 -12.68 -15.17
CA PHE A 172 -5.64 -13.91 -15.26
C PHE A 172 -5.69 -14.44 -16.70
N GLU A 173 -6.87 -14.46 -17.29
CA GLU A 173 -7.10 -15.00 -18.65
C GLU A 173 -6.27 -14.18 -19.65
N GLU A 174 -6.35 -12.85 -19.53
CA GLU A 174 -5.70 -12.00 -20.52
C GLU A 174 -4.22 -11.81 -20.31
N PHE A 175 -3.76 -11.71 -19.04
CA PHE A 175 -2.39 -11.32 -18.83
C PHE A 175 -1.53 -12.38 -18.16
N GLY A 176 -2.18 -13.40 -17.59
CA GLY A 176 -1.43 -14.35 -16.76
C GLY A 176 -0.39 -15.16 -17.46
N ASP A 177 -0.45 -15.24 -18.77
CA ASP A 177 0.62 -15.98 -19.49
C ASP A 177 1.92 -15.20 -19.41
N SER A 178 1.91 -13.90 -19.14
CA SER A 178 3.08 -13.07 -18.98
C SER A 178 3.30 -12.58 -17.56
N VAL A 179 2.27 -12.44 -16.75
CA VAL A 179 2.41 -11.90 -15.38
C VAL A 179 2.41 -13.07 -14.40
N LYS A 180 3.46 -13.17 -13.62
CA LYS A 180 3.63 -14.26 -12.68
C LYS A 180 3.63 -13.90 -11.23
N TYR A 181 3.37 -12.59 -10.94
CA TYR A 181 3.27 -12.12 -9.57
C TYR A 181 2.04 -11.16 -9.53
N TRP A 182 1.05 -11.59 -8.83
CA TRP A 182 -0.21 -10.87 -8.67
C TRP A 182 -0.38 -10.44 -7.21
N LEU A 183 -0.95 -9.23 -7.13
CA LEU A 183 -1.35 -8.73 -5.81
C LEU A 183 -2.86 -8.53 -5.82
N THR A 184 -3.60 -8.97 -4.83
CA THR A 184 -5.04 -8.79 -4.88
C THR A 184 -5.49 -7.38 -4.54
N ILE A 185 -5.56 -7.01 -3.29
CA ILE A 185 -6.02 -5.75 -2.76
C ILE A 185 -4.87 -5.02 -2.09
N ASN A 186 -4.64 -3.80 -2.56
CA ASN A 186 -3.68 -2.92 -1.89
C ASN A 186 -4.03 -2.60 -0.44
N GLN A 187 -3.05 -2.71 0.46
CA GLN A 187 -3.10 -2.39 1.87
C GLN A 187 -4.47 -2.60 2.49
N LEU A 188 -4.75 -3.83 2.88
CA LEU A 188 -6.02 -4.26 3.45
C LEU A 188 -6.56 -3.29 4.50
N TYR A 189 -5.73 -2.79 5.38
CA TYR A 189 -6.19 -1.93 6.48
C TYR A 189 -6.78 -0.63 6.04
N SER A 190 -6.33 -0.06 4.89
CA SER A 190 -6.70 1.29 4.53
C SER A 190 -8.12 1.62 4.13
N VAL A 191 -8.72 0.81 3.27
CA VAL A 191 -10.10 1.18 2.85
C VAL A 191 -11.05 1.02 4.04
N PRO A 192 -10.98 -0.03 4.83
CA PRO A 192 -11.93 -0.12 5.95
C PRO A 192 -11.82 1.07 6.91
N THR A 193 -10.62 1.50 7.28
CA THR A 193 -10.43 2.58 8.24
C THR A 193 -10.59 3.97 7.69
N ARG A 194 -9.86 4.28 6.61
CA ARG A 194 -9.95 5.56 5.97
C ARG A 194 -11.13 5.77 5.02
N GLY A 195 -11.65 4.70 4.40
CA GLY A 195 -12.73 4.87 3.44
C GLY A 195 -14.09 4.80 4.16
N TYR A 196 -14.17 4.03 5.26
CA TYR A 196 -15.39 3.78 5.97
C TYR A 196 -15.38 4.18 7.45
N GLY A 197 -14.23 4.65 7.90
CA GLY A 197 -14.08 5.01 9.33
C GLY A 197 -13.89 6.51 9.56
N SER A 198 -12.78 7.05 9.06
CA SER A 198 -12.51 8.49 9.17
C SER A 198 -13.02 9.26 7.92
N ALA A 199 -13.26 8.55 6.83
CA ALA A 199 -13.70 9.16 5.60
C ALA A 199 -12.68 10.14 5.03
N LEU A 200 -11.40 9.84 5.25
CA LEU A 200 -10.31 10.58 4.61
C LEU A 200 -10.11 10.02 3.21
N ASP A 201 -10.54 8.79 2.92
CA ASP A 201 -10.33 8.18 1.61
C ASP A 201 -11.66 7.80 0.99
N ALA A 202 -11.65 7.55 -0.35
CA ALA A 202 -12.86 7.04 -0.98
C ALA A 202 -13.30 5.73 -0.36
N PRO A 203 -14.56 5.44 -0.21
CA PRO A 203 -15.68 6.22 -0.79
C PRO A 203 -16.08 7.40 0.07
N GLY A 204 -15.60 7.49 1.30
CA GLY A 204 -15.90 8.64 2.13
C GLY A 204 -17.13 8.46 2.98
N ARG A 205 -17.32 7.30 3.57
CA ARG A 205 -18.40 7.02 4.49
C ARG A 205 -17.92 7.11 5.94
N CYS A 206 -18.86 7.51 6.80
CA CYS A 206 -18.54 7.60 8.22
C CYS A 206 -19.81 7.88 9.02
N SER A 207 -19.67 7.90 10.36
CA SER A 207 -20.79 8.28 11.18
C SER A 207 -20.99 9.79 11.10
N PRO A 208 -22.26 10.26 11.22
CA PRO A 208 -22.54 11.65 11.06
C PRO A 208 -21.73 12.60 11.89
N THR A 209 -21.45 12.24 13.17
CA THR A 209 -20.69 13.15 14.01
C THR A 209 -19.20 13.04 13.88
N VAL A 210 -18.70 12.03 13.17
CA VAL A 210 -17.29 11.97 12.84
C VAL A 210 -16.97 13.02 11.79
N ASP A 211 -17.79 13.08 10.72
CA ASP A 211 -17.61 14.08 9.69
C ASP A 211 -18.96 14.32 9.05
N PRO A 212 -19.60 15.45 9.27
CA PRO A 212 -20.87 15.75 8.72
C PRO A 212 -20.97 15.70 7.21
N SER A 213 -19.82 15.76 6.51
CA SER A 213 -19.84 15.71 5.06
C SER A 213 -20.02 14.29 4.52
N CYS A 214 -19.76 13.24 5.29
CA CYS A 214 -19.97 11.90 4.75
C CYS A 214 -21.40 11.74 4.27
N TYR A 215 -21.64 11.07 3.17
CA TYR A 215 -22.98 10.92 2.60
C TYR A 215 -23.80 9.89 3.39
N ALA A 216 -23.06 8.99 4.06
CA ALA A 216 -23.71 7.95 4.84
C ALA A 216 -22.60 7.20 5.58
N GLY A 217 -23.00 6.27 6.42
CA GLY A 217 -21.99 5.42 7.06
C GLY A 217 -22.20 5.22 8.55
N ASN A 218 -21.24 4.47 9.08
CA ASN A 218 -21.20 4.14 10.50
C ASN A 218 -19.76 3.64 10.74
N SER A 219 -19.01 4.56 11.37
CA SER A 219 -17.57 4.36 11.58
C SER A 219 -17.26 3.24 12.53
N SER A 220 -18.21 2.89 13.39
CA SER A 220 -18.02 1.81 14.38
C SER A 220 -18.24 0.40 13.83
N THR A 221 -19.11 0.23 12.82
CA THR A 221 -19.44 -1.06 12.26
C THR A 221 -18.90 -1.31 10.82
N GLU A 222 -18.93 -0.24 10.00
CA GLU A 222 -18.59 -0.44 8.60
C GLU A 222 -17.18 -0.86 8.32
N PRO A 223 -16.20 -0.38 9.08
CA PRO A 223 -14.82 -0.85 8.81
C PRO A 223 -14.69 -2.34 8.96
N TYR A 224 -15.41 -2.96 9.92
CA TYR A 224 -15.34 -4.40 10.09
C TYR A 224 -16.04 -5.17 8.99
N ILE A 225 -17.17 -4.63 8.51
CA ILE A 225 -17.87 -5.33 7.42
C ILE A 225 -17.03 -5.29 6.16
N VAL A 226 -16.44 -4.14 5.89
CA VAL A 226 -15.64 -3.96 4.68
C VAL A 226 -14.37 -4.80 4.77
N ALA A 227 -13.71 -4.82 5.93
CA ALA A 227 -12.52 -5.65 6.05
C ALA A 227 -12.88 -7.10 5.78
N HIS A 228 -13.99 -7.58 6.35
CA HIS A 228 -14.47 -8.94 6.18
C HIS A 228 -14.63 -9.29 4.74
N HIS A 229 -15.38 -8.41 4.03
CA HIS A 229 -15.58 -8.64 2.60
C HIS A 229 -14.31 -8.59 1.79
N GLN A 230 -13.37 -7.71 2.14
CA GLN A 230 -12.07 -7.71 1.49
C GLN A 230 -11.40 -9.06 1.66
N LEU A 231 -11.41 -9.60 2.87
CA LEU A 231 -10.76 -10.90 3.09
C LEU A 231 -11.45 -12.01 2.25
N LEU A 232 -12.76 -12.01 2.20
CA LEU A 232 -13.51 -13.01 1.44
C LEU A 232 -13.26 -12.82 -0.06
N ALA A 233 -13.29 -11.59 -0.54
CA ALA A 233 -13.04 -11.32 -2.00
C ALA A 233 -11.62 -11.71 -2.39
N HIS A 234 -10.64 -11.28 -1.58
CA HIS A 234 -9.26 -11.73 -1.79
C HIS A 234 -9.21 -13.22 -1.88
N ALA A 235 -9.79 -13.93 -0.89
CA ALA A 235 -9.62 -15.39 -0.80
C ALA A 235 -10.29 -16.15 -1.93
N LYS A 236 -11.40 -15.57 -2.41
CA LYS A 236 -12.10 -16.19 -3.54
C LYS A 236 -11.23 -16.07 -4.79
N VAL A 237 -10.56 -14.94 -4.93
CA VAL A 237 -9.68 -14.69 -6.09
C VAL A 237 -8.46 -15.58 -5.99
N VAL A 238 -7.85 -15.74 -4.83
CA VAL A 238 -6.71 -16.64 -4.69
C VAL A 238 -7.18 -18.05 -5.04
N ASP A 239 -8.31 -18.52 -4.54
CA ASP A 239 -8.83 -19.84 -4.87
C ASP A 239 -8.98 -20.01 -6.36
N LEU A 240 -9.57 -19.04 -7.03
CA LEU A 240 -9.74 -19.06 -8.46
C LEU A 240 -8.37 -19.17 -9.14
N TYR A 241 -7.41 -18.36 -8.72
CA TYR A 241 -6.10 -18.41 -9.32
C TYR A 241 -5.41 -19.75 -9.19
N ARG A 242 -5.44 -20.29 -7.97
CA ARG A 242 -4.71 -21.55 -7.68
C ARG A 242 -5.47 -22.78 -8.21
N LYS A 243 -6.73 -22.70 -8.48
CA LYS A 243 -7.48 -23.85 -9.01
C LYS A 243 -7.58 -23.80 -10.53
N ASN A 244 -7.72 -22.61 -11.10
CA ASN A 244 -7.95 -22.50 -12.54
C ASN A 244 -6.82 -21.94 -13.36
N TYR A 245 -5.83 -21.33 -12.71
CA TYR A 245 -4.71 -20.80 -13.43
C TYR A 245 -3.35 -21.35 -12.94
N THR A 246 -3.32 -22.54 -12.38
CA THR A 246 -2.06 -23.11 -11.91
C THR A 246 -1.10 -23.33 -13.06
N HIS A 247 -1.65 -23.50 -14.27
CA HIS A 247 -0.81 -23.75 -15.45
C HIS A 247 0.09 -22.57 -15.79
N GLN A 248 -0.24 -21.35 -15.31
CA GLN A 248 0.54 -20.18 -15.58
C GLN A 248 1.81 -20.14 -14.74
N GLY A 249 1.94 -20.94 -13.71
CA GLY A 249 3.13 -20.95 -12.88
C GLY A 249 3.51 -19.67 -12.17
N GLY A 250 2.50 -18.92 -11.73
CA GLY A 250 2.69 -17.70 -10.97
C GLY A 250 2.26 -17.84 -9.50
N LYS A 251 2.35 -16.68 -8.82
CA LYS A 251 2.07 -16.58 -7.42
C LYS A 251 1.19 -15.34 -7.17
N ILE A 252 0.42 -15.49 -6.08
CA ILE A 252 -0.49 -14.37 -5.75
C ILE A 252 -0.49 -14.16 -4.26
N GLY A 253 -0.78 -12.91 -3.87
CA GLY A 253 -0.84 -12.56 -2.46
C GLY A 253 -1.58 -11.24 -2.25
N PRO A 254 -1.93 -10.99 -0.99
CA PRO A 254 -2.47 -9.72 -0.63
C PRO A 254 -1.33 -8.70 -0.44
N THR A 255 -1.66 -7.45 -0.33
CA THR A 255 -0.76 -6.40 0.15
C THR A 255 -1.23 -5.98 1.54
N MET A 256 -0.28 -6.02 2.49
CA MET A 256 -0.52 -5.41 3.80
C MET A 256 0.22 -4.09 3.93
N ILE A 257 -0.37 -3.13 4.64
CA ILE A 257 0.34 -1.96 5.14
C ILE A 257 0.92 -2.48 6.48
N THR A 258 2.23 -2.35 6.62
CA THR A 258 2.84 -2.73 7.88
C THR A 258 3.37 -1.48 8.57
N ARG A 259 3.38 -1.52 9.88
CA ARG A 259 4.02 -0.56 10.74
C ARG A 259 4.69 -1.42 11.84
N TRP A 260 5.70 -0.87 12.45
CA TRP A 260 6.09 -1.45 13.75
C TRP A 260 5.46 -0.55 14.83
N PHE A 261 5.35 -1.13 16.06
CA PHE A 261 4.84 -0.35 17.21
C PHE A 261 5.72 -0.60 18.41
N LEU A 262 6.07 0.48 19.09
CA LEU A 262 6.87 0.41 20.32
C LEU A 262 6.10 1.10 21.43
N PRO A 263 6.37 0.71 22.68
CA PRO A 263 5.65 1.36 23.78
C PRO A 263 6.07 2.79 23.92
N TYR A 264 5.10 3.71 24.08
CA TYR A 264 5.31 5.09 24.46
C TYR A 264 6.18 5.17 25.70
N ASN A 265 5.91 4.25 26.63
CA ASN A 265 6.74 4.19 27.81
C ASN A 265 7.09 2.74 28.01
N ASP A 266 8.36 2.39 27.80
CA ASP A 266 8.68 0.98 27.80
C ASP A 266 8.89 0.32 29.13
N THR A 267 8.60 1.03 30.22
CA THR A 267 8.57 0.41 31.52
C THR A 267 7.17 0.47 32.09
N ASP A 268 6.18 0.95 31.34
CA ASP A 268 4.81 1.03 31.80
C ASP A 268 4.03 -0.13 31.20
N ARG A 269 3.48 -1.00 32.06
CA ARG A 269 2.73 -2.15 31.55
C ARG A 269 1.53 -1.74 30.69
N HIS A 270 0.88 -0.62 30.98
CA HIS A 270 -0.27 -0.19 30.20
C HIS A 270 0.14 0.15 28.78
N SER A 271 1.24 0.88 28.62
CA SER A 271 1.75 1.19 27.29
C SER A 271 2.18 -0.06 26.54
N ILE A 272 2.89 -0.95 27.23
CA ILE A 272 3.30 -2.20 26.63
C ILE A 272 2.11 -2.99 26.13
N ALA A 273 1.03 -3.06 26.93
CA ALA A 273 -0.19 -3.74 26.51
C ALA A 273 -0.84 -3.04 25.31
N ALA A 274 -0.81 -1.73 25.26
CA ALA A 274 -1.40 -0.99 24.11
C ALA A 274 -0.62 -1.30 22.84
N THR A 275 0.67 -1.50 23.00
CA THR A 275 1.59 -1.76 21.88
C THR A 275 1.26 -3.13 21.28
N GLU A 276 1.03 -4.13 22.17
CA GLU A 276 0.67 -5.47 21.69
C GLU A 276 -0.74 -5.49 21.10
N ARG A 277 -1.64 -4.71 21.71
CA ARG A 277 -2.97 -4.58 21.10
C ARG A 277 -2.83 -4.02 19.69
N MET A 278 -2.01 -3.00 19.49
CA MET A 278 -1.86 -2.42 18.16
C MET A 278 -1.41 -3.42 17.12
N LYS A 279 -0.45 -4.29 17.50
CA LYS A 279 0.00 -5.30 16.56
C LYS A 279 -1.15 -6.19 16.12
N GLU A 280 -1.97 -6.60 17.08
CA GLU A 280 -3.14 -7.43 16.76
C GLU A 280 -4.20 -6.67 15.94
N PHE A 281 -4.52 -5.43 16.31
CA PHE A 281 -5.56 -4.70 15.62
C PHE A 281 -5.15 -4.22 14.25
N PHE A 282 -3.87 -3.92 14.11
CA PHE A 282 -3.36 -3.37 12.87
C PHE A 282 -2.93 -4.44 11.88
N LEU A 283 -2.08 -5.36 12.38
CA LEU A 283 -1.61 -6.43 11.50
C LEU A 283 -2.51 -7.65 11.60
N GLY A 284 -2.80 -8.08 12.83
CA GLY A 284 -3.56 -9.31 13.07
C GLY A 284 -4.95 -9.31 12.51
N TRP A 285 -5.60 -8.14 12.43
CA TRP A 285 -6.95 -8.02 11.83
C TRP A 285 -7.05 -8.81 10.54
N PHE A 286 -5.98 -8.70 9.71
CA PHE A 286 -5.94 -9.44 8.47
C PHE A 286 -5.01 -10.65 8.53
N MET A 287 -3.89 -10.56 9.26
CA MET A 287 -2.97 -11.70 9.25
C MET A 287 -3.53 -12.90 10.03
N GLY A 288 -4.33 -12.68 11.04
CA GLY A 288 -5.06 -13.72 11.76
C GLY A 288 -5.88 -14.56 10.84
N PRO A 289 -6.78 -13.90 10.06
CA PRO A 289 -7.59 -14.65 9.13
C PRO A 289 -6.71 -15.29 8.06
N LEU A 290 -5.72 -14.59 7.51
CA LEU A 290 -4.89 -15.18 6.46
C LEU A 290 -4.01 -16.34 6.92
N THR A 291 -3.73 -16.47 8.22
CA THR A 291 -2.89 -17.60 8.62
C THR A 291 -3.66 -18.63 9.40
N ASN A 292 -4.81 -18.22 9.97
CA ASN A 292 -5.57 -19.10 10.82
C ASN A 292 -7.04 -19.23 10.58
N GLY A 293 -7.60 -18.38 9.70
CA GLY A 293 -9.00 -18.37 9.41
C GLY A 293 -9.86 -17.73 10.47
N THR A 294 -9.27 -17.02 11.45
CA THR A 294 -10.02 -16.35 12.50
C THR A 294 -9.39 -15.01 12.82
N TYR A 295 -10.22 -14.08 13.33
CA TYR A 295 -9.67 -12.85 13.82
C TYR A 295 -8.94 -13.06 15.16
N PRO A 296 -8.08 -12.16 15.53
CA PRO A 296 -7.34 -12.26 16.79
C PRO A 296 -8.34 -12.30 17.95
N GLN A 297 -7.99 -13.00 19.03
CA GLN A 297 -8.91 -13.11 20.16
C GLN A 297 -9.15 -11.74 20.84
N ILE A 298 -8.16 -10.86 20.84
CA ILE A 298 -8.42 -9.54 21.50
C ILE A 298 -9.48 -8.80 20.68
N MET A 299 -9.46 -8.96 19.35
CA MET A 299 -10.52 -8.30 18.56
C MET A 299 -11.86 -8.95 18.80
N ILE A 300 -11.95 -10.27 18.82
CA ILE A 300 -13.14 -11.00 19.13
C ILE A 300 -13.75 -10.50 20.46
N ASP A 301 -12.90 -10.33 21.47
CA ASP A 301 -13.34 -9.91 22.80
C ASP A 301 -13.79 -8.46 22.82
N THR A 302 -13.00 -7.59 22.17
CA THR A 302 -13.31 -6.17 22.27
C THR A 302 -14.48 -5.76 21.37
N VAL A 303 -14.41 -6.23 20.16
CA VAL A 303 -15.35 -5.76 19.10
C VAL A 303 -16.68 -6.47 19.18
N GLY A 304 -16.67 -7.64 19.77
CA GLY A 304 -17.94 -8.34 20.11
C GLY A 304 -18.86 -8.50 18.89
N GLU A 305 -20.10 -8.08 19.00
CA GLU A 305 -21.12 -8.25 17.98
C GLU A 305 -20.81 -7.49 16.70
N ARG A 306 -19.95 -6.48 16.79
CA ARG A 306 -19.57 -5.74 15.57
C ARG A 306 -18.59 -6.49 14.67
N LEU A 307 -17.99 -7.57 15.19
CA LEU A 307 -17.02 -8.30 14.35
C LEU A 307 -17.70 -9.46 13.68
N PRO A 308 -17.78 -9.50 12.35
CA PRO A 308 -18.38 -10.61 11.66
C PRO A 308 -17.65 -11.93 11.91
N SER A 309 -18.38 -13.04 11.76
CA SER A 309 -17.81 -14.37 11.89
C SER A 309 -17.60 -15.01 10.52
N PHE A 310 -16.57 -15.85 10.39
CA PHE A 310 -16.41 -16.63 9.17
C PHE A 310 -17.17 -17.95 9.39
N SER A 311 -17.83 -18.46 8.37
CA SER A 311 -18.41 -19.80 8.46
C SER A 311 -17.22 -20.76 8.34
N PRO A 312 -17.40 -22.01 8.61
CA PRO A 312 -16.33 -22.99 8.47
C PRO A 312 -15.81 -22.98 7.05
N GLU A 313 -16.64 -22.88 6.03
CA GLU A 313 -16.22 -22.83 4.63
C GLU A 313 -15.38 -21.60 4.35
N GLU A 314 -15.86 -20.46 4.85
CA GLU A 314 -15.16 -19.20 4.64
C GLU A 314 -13.79 -19.22 5.33
N SER A 315 -13.76 -19.76 6.53
CA SER A 315 -12.52 -19.83 7.31
C SER A 315 -11.47 -20.61 6.54
N ASN A 316 -11.93 -21.72 5.96
CA ASN A 316 -11.05 -22.57 5.17
C ASN A 316 -10.60 -21.86 3.88
N LEU A 317 -11.48 -21.06 3.29
CA LEU A 317 -11.10 -20.35 2.07
C LEU A 317 -10.04 -19.30 2.39
N VAL A 318 -10.23 -18.58 3.51
CA VAL A 318 -9.32 -17.48 3.81
C VAL A 318 -7.99 -17.93 4.38
N LYS A 319 -8.01 -18.95 5.21
CA LYS A 319 -6.78 -19.47 5.83
C LYS A 319 -5.80 -19.97 4.79
N GLY A 320 -4.63 -19.40 4.78
CA GLY A 320 -3.60 -19.85 3.84
C GLY A 320 -3.75 -19.30 2.44
N SER A 321 -4.61 -18.30 2.22
CA SER A 321 -4.90 -17.74 0.93
C SER A 321 -3.81 -16.77 0.43
N TYR A 322 -2.59 -17.27 0.32
CA TYR A 322 -1.50 -16.49 -0.24
C TYR A 322 -0.35 -17.43 -0.58
N ASP A 323 0.38 -17.08 -1.65
CA ASP A 323 1.66 -17.70 -1.94
C ASP A 323 2.84 -16.84 -1.46
N PHE A 324 2.59 -15.59 -1.20
CA PHE A 324 3.53 -14.61 -0.68
C PHE A 324 2.72 -13.47 -0.09
N LEU A 325 3.46 -12.61 0.61
CA LEU A 325 2.83 -11.38 1.11
C LEU A 325 3.57 -10.19 0.52
N GLY A 326 2.76 -9.25 -0.02
CA GLY A 326 3.40 -7.98 -0.42
C GLY A 326 3.28 -7.07 0.83
N LEU A 327 4.43 -6.69 1.38
CA LEU A 327 4.41 -5.84 2.58
C LEU A 327 4.91 -4.46 2.27
N ASN A 328 3.97 -3.50 2.39
CA ASN A 328 4.37 -2.09 2.34
C ASN A 328 4.85 -1.69 3.73
N TYR A 329 5.86 -0.86 3.75
CA TYR A 329 6.39 -0.34 5.03
C TYR A 329 6.83 1.08 4.89
N TYR A 330 6.34 1.97 5.77
CA TYR A 330 6.86 3.33 5.76
C TYR A 330 7.35 3.80 7.15
N PHE A 331 6.63 3.52 8.22
CA PHE A 331 7.06 4.08 9.53
C PHE A 331 6.49 3.24 10.68
N THR A 332 6.90 3.69 11.87
CA THR A 332 6.62 3.08 13.16
C THR A 332 6.01 4.11 14.13
N GLN A 333 5.16 3.58 15.02
CA GLN A 333 4.61 4.50 16.03
C GLN A 333 4.79 3.97 17.44
N TYR A 334 4.81 4.92 18.38
CA TYR A 334 4.74 4.56 19.81
C TYR A 334 3.25 4.46 20.15
N ALA A 335 2.93 3.55 21.01
CA ALA A 335 1.60 3.30 21.57
C ALA A 335 1.42 3.49 23.05
N GLN A 336 0.38 4.22 23.39
CA GLN A 336 0.00 4.41 24.82
C GLN A 336 -1.47 4.09 24.96
N PRO A 337 -1.98 3.84 26.16
CA PRO A 337 -3.38 3.53 26.30
C PRO A 337 -4.29 4.72 25.94
N SER A 338 -5.48 4.37 25.45
CA SER A 338 -6.52 5.39 25.22
C SER A 338 -7.86 4.71 25.46
N PRO A 339 -8.87 5.44 25.93
CA PRO A 339 -10.17 4.85 26.15
C PRO A 339 -10.88 4.43 24.84
N ASN A 340 -11.77 3.47 24.97
CA ASN A 340 -12.59 3.06 23.82
C ASN A 340 -14.05 3.34 24.06
N PRO A 341 -14.55 4.52 23.74
CA PRO A 341 -15.95 4.84 24.10
C PRO A 341 -16.92 4.32 23.08
N VAL A 342 -17.25 3.04 23.18
CA VAL A 342 -18.11 2.37 22.19
C VAL A 342 -19.51 2.96 22.10
N ASN A 343 -20.05 3.57 23.16
CA ASN A 343 -21.35 4.23 23.09
C ASN A 343 -21.31 5.65 22.55
N SER A 344 -20.20 6.31 22.34
CA SER A 344 -20.13 7.65 21.81
C SER A 344 -20.62 7.61 20.35
N THR A 345 -21.34 8.67 19.97
CA THR A 345 -21.81 8.75 18.60
C THR A 345 -20.61 8.92 17.65
N ASN A 346 -19.49 9.41 18.16
CA ASN A 346 -18.34 9.53 17.27
C ASN A 346 -17.38 8.36 17.41
N HIS A 347 -17.85 7.24 17.92
CA HIS A 347 -16.95 6.07 18.02
C HIS A 347 -16.53 5.59 16.62
N THR A 348 -15.25 5.19 16.55
CA THR A 348 -14.76 4.60 15.31
C THR A 348 -14.13 3.27 15.61
N ALA A 349 -14.05 2.38 14.65
CA ALA A 349 -13.38 1.09 14.76
C ALA A 349 -11.98 1.24 15.21
N MET A 350 -11.29 2.36 14.78
CA MET A 350 -9.89 2.54 15.13
C MET A 350 -9.74 2.79 16.63
N MET A 351 -10.80 3.18 17.34
CA MET A 351 -10.67 3.36 18.80
C MET A 351 -10.71 2.04 19.55
N ASP A 352 -11.15 0.94 18.90
CA ASP A 352 -11.27 -0.35 19.56
C ASP A 352 -9.93 -0.92 20.02
N ALA A 353 -8.81 -0.55 19.38
CA ALA A 353 -7.50 -1.01 19.83
C ALA A 353 -7.12 -0.40 21.16
N GLY A 354 -7.79 0.61 21.66
CA GLY A 354 -7.49 1.17 22.98
C GLY A 354 -6.10 1.77 23.02
N ALA A 355 -5.66 2.39 21.95
CA ALA A 355 -4.36 2.99 21.85
C ALA A 355 -4.27 4.31 21.13
N LYS A 356 -3.42 5.16 21.65
CA LYS A 356 -3.12 6.48 21.04
C LYS A 356 -1.69 6.37 20.48
N LEU A 357 -1.45 6.82 19.30
CA LEU A 357 -0.24 6.66 18.55
C LEU A 357 0.45 8.01 18.33
N THR A 358 1.74 7.96 18.63
CA THR A 358 2.61 9.10 18.51
C THR A 358 3.96 8.75 17.92
N TYR A 359 4.79 9.77 17.64
CA TYR A 359 6.13 9.63 17.08
C TYR A 359 7.17 10.07 18.10
N ILE A 360 6.68 10.51 19.27
CA ILE A 360 7.48 10.96 20.39
C ILE A 360 7.12 10.13 21.61
N ASN A 361 8.15 9.63 22.36
CA ASN A 361 7.79 8.80 23.53
C ASN A 361 7.65 9.61 24.80
N ALA A 362 7.42 8.94 25.92
CA ALA A 362 7.14 9.64 27.17
C ALA A 362 8.26 10.52 27.70
N SER A 363 9.49 10.18 27.34
CA SER A 363 10.61 11.02 27.78
C SER A 363 11.03 12.00 26.70
N GLY A 364 10.19 12.21 25.67
CA GLY A 364 10.48 13.26 24.72
C GLY A 364 11.30 12.86 23.51
N HIS A 365 11.59 11.54 23.39
CA HIS A 365 12.39 11.16 22.24
C HIS A 365 11.57 11.05 20.96
N TYR A 366 12.01 11.71 19.89
CA TYR A 366 11.35 11.56 18.58
C TYR A 366 11.96 10.27 18.01
N ILE A 367 11.13 9.41 17.42
CA ILE A 367 11.56 8.10 16.96
C ILE A 367 12.65 8.06 15.92
N GLY A 368 12.76 9.06 15.09
CA GLY A 368 13.77 9.09 14.04
C GLY A 368 13.62 10.38 13.24
N PRO A 369 14.20 10.43 12.03
CA PRO A 369 14.17 11.60 11.20
C PRO A 369 12.78 11.95 10.70
N LEU A 370 12.62 13.18 10.31
CA LEU A 370 11.36 13.66 9.72
C LEU A 370 10.98 12.85 8.50
N PHE A 371 9.74 12.39 8.51
CA PHE A 371 9.15 11.69 7.37
C PHE A 371 8.15 12.58 6.61
N GLU A 372 7.30 13.33 7.32
CA GLU A 372 6.33 14.19 6.64
C GLU A 372 6.04 15.38 7.56
N LYS A 373 6.32 16.59 7.10
CA LYS A 373 5.98 17.79 7.84
C LYS A 373 4.50 18.12 7.66
N ASP A 374 3.79 18.47 8.70
CA ASP A 374 2.38 18.85 8.64
C ASP A 374 2.33 20.35 8.91
N LYS A 375 2.17 21.17 7.87
CA LYS A 375 2.16 22.62 8.09
C LYS A 375 0.99 23.14 8.91
N ALA A 376 -0.18 22.52 8.90
CA ALA A 376 -1.29 23.03 9.72
C ALA A 376 -1.06 22.82 11.21
N ASP A 377 -0.41 21.70 11.55
CA ASP A 377 -0.10 21.40 12.94
C ASP A 377 1.20 20.61 13.04
N SER A 378 2.28 21.23 13.47
CA SER A 378 3.60 20.60 13.56
C SER A 378 3.67 19.47 14.57
N THR A 379 2.75 19.48 15.54
CA THR A 379 2.71 18.39 16.51
C THR A 379 2.26 17.09 15.86
N ASP A 380 1.76 17.11 14.63
CA ASP A 380 1.28 16.03 13.83
C ASP A 380 2.33 15.62 12.76
N ASN A 381 3.51 16.18 12.82
CA ASN A 381 4.56 15.69 11.91
C ASN A 381 4.79 14.20 12.13
N ILE A 382 5.08 13.50 11.03
CA ILE A 382 5.41 12.10 11.05
C ILE A 382 6.92 11.95 10.95
N TYR A 383 7.48 11.02 11.72
CA TYR A 383 8.89 10.69 11.79
C TYR A 383 9.08 9.23 11.42
N TYR A 384 10.20 8.82 10.82
CA TYR A 384 10.44 7.47 10.39
C TYR A 384 11.46 6.76 11.32
N TYR A 385 11.65 5.47 11.03
CA TYR A 385 12.41 4.61 11.96
C TYR A 385 12.90 3.44 11.13
N PRO A 386 14.11 3.59 10.62
CA PRO A 386 14.68 2.54 9.78
C PRO A 386 14.64 1.15 10.32
N LYS A 387 14.93 0.97 11.61
CA LYS A 387 14.92 -0.34 12.23
C LYS A 387 13.54 -0.97 12.19
N GLY A 388 12.44 -0.21 12.04
CA GLY A 388 11.12 -0.79 11.99
C GLY A 388 11.01 -1.82 10.86
N ILE A 389 11.69 -1.62 9.71
CA ILE A 389 11.54 -2.66 8.68
C ILE A 389 12.17 -3.96 9.13
N TYR A 390 13.24 -3.94 9.90
CA TYR A 390 13.82 -5.18 10.45
C TYR A 390 12.82 -5.80 11.45
N SER A 391 12.29 -4.97 12.36
CA SER A 391 11.35 -5.49 13.34
C SER A 391 10.12 -6.10 12.69
N VAL A 392 9.55 -5.41 11.65
CA VAL A 392 8.40 -5.95 10.98
C VAL A 392 8.71 -7.28 10.31
N MET A 393 9.79 -7.39 9.56
CA MET A 393 10.07 -8.62 8.83
C MET A 393 10.34 -9.80 9.76
N ASP A 394 11.02 -9.54 10.86
CA ASP A 394 11.30 -10.53 11.89
C ASP A 394 10.00 -11.02 12.56
N TYR A 395 9.08 -10.04 12.83
CA TYR A 395 7.83 -10.41 13.43
C TYR A 395 7.03 -11.28 12.46
N PHE A 396 6.93 -10.90 11.19
CA PHE A 396 6.20 -11.73 10.25
C PHE A 396 6.75 -13.13 10.12
N LYS A 397 8.05 -13.31 10.10
CA LYS A 397 8.64 -14.64 10.04
C LYS A 397 8.26 -15.44 11.29
N ASN A 398 8.35 -14.81 12.45
CA ASN A 398 8.12 -15.50 13.72
C ASN A 398 6.69 -15.77 14.09
N LYS A 399 5.83 -14.77 13.78
CA LYS A 399 4.43 -14.89 14.18
C LYS A 399 3.53 -15.47 13.11
N TYR A 400 3.98 -15.26 11.84
CA TYR A 400 3.14 -15.63 10.75
C TYR A 400 3.68 -16.65 9.77
N TYR A 401 4.41 -17.61 10.34
CA TYR A 401 4.75 -18.84 9.64
C TYR A 401 5.68 -18.68 8.47
N ASN A 402 6.70 -17.86 8.70
CA ASN A 402 7.80 -17.75 7.74
C ASN A 402 7.39 -17.60 6.29
N PRO A 403 6.67 -16.52 5.98
CA PRO A 403 6.18 -16.31 4.65
C PRO A 403 7.24 -15.86 3.67
N LEU A 404 6.93 -16.09 2.41
CA LEU A 404 7.70 -15.42 1.32
C LEU A 404 7.13 -14.01 1.29
N ILE A 405 8.07 -13.04 1.22
CA ILE A 405 7.70 -11.63 1.25
C ILE A 405 8.42 -10.86 0.13
N TYR A 406 7.63 -9.95 -0.47
CA TYR A 406 8.18 -8.93 -1.35
C TYR A 406 7.84 -7.57 -0.69
N VAL A 407 8.79 -6.64 -0.56
CA VAL A 407 8.49 -5.31 -0.04
C VAL A 407 7.90 -4.61 -1.30
N THR A 408 6.66 -4.27 -1.20
CA THR A 408 5.89 -3.77 -2.34
C THR A 408 5.79 -2.27 -2.40
N GLU A 409 6.09 -1.56 -1.33
CA GLU A 409 6.22 -0.15 -1.26
C GLU A 409 7.16 0.21 -0.09
N ASN A 410 7.93 1.27 -0.30
CA ASN A 410 8.77 1.87 0.72
C ASN A 410 9.24 3.17 0.09
N GLY A 411 9.07 4.34 0.75
CA GLY A 411 9.53 5.62 0.14
C GLY A 411 9.10 6.78 1.10
N ILE A 412 9.42 7.95 0.60
CA ILE A 412 9.20 9.20 1.35
C ILE A 412 8.90 10.39 0.46
N SER A 413 8.05 11.27 0.96
CA SER A 413 7.71 12.47 0.15
C SER A 413 8.68 13.62 0.42
N THR A 414 8.66 14.57 -0.51
CA THR A 414 9.30 15.88 -0.36
C THR A 414 8.22 16.90 -0.78
N PRO A 415 8.27 18.11 -0.26
CA PRO A 415 7.22 19.08 -0.49
C PRO A 415 6.99 19.44 -1.94
N GLY A 416 5.75 19.67 -2.34
CA GLY A 416 5.44 20.15 -3.69
C GLY A 416 5.83 21.62 -3.79
N ASP A 417 6.04 22.35 -2.70
CA ASP A 417 6.44 23.76 -2.75
C ASP A 417 7.89 23.93 -3.18
N GLU A 418 8.69 22.86 -3.14
CA GLU A 418 10.09 23.00 -3.55
C GLU A 418 10.10 23.35 -5.05
N ASN A 419 11.15 23.99 -5.53
CA ASN A 419 11.25 24.28 -6.96
C ASN A 419 11.90 23.05 -7.60
N ARG A 420 12.01 23.04 -8.93
CA ARG A 420 12.59 21.92 -9.63
C ARG A 420 13.99 21.51 -9.17
N ASN A 421 14.89 22.50 -9.02
CA ASN A 421 16.24 22.19 -8.59
C ASN A 421 16.23 21.56 -7.21
N GLN A 422 15.52 22.12 -6.27
CA GLN A 422 15.41 21.57 -4.93
C GLN A 422 14.78 20.18 -4.99
N SER A 423 13.76 20.00 -5.82
CA SER A 423 13.07 18.71 -5.91
C SER A 423 13.98 17.60 -6.48
N MET A 424 14.86 17.99 -7.43
CA MET A 424 15.83 17.04 -7.96
C MET A 424 16.88 16.68 -6.93
N LEU A 425 17.24 17.63 -6.06
CA LEU A 425 18.28 17.34 -5.04
C LEU A 425 17.67 16.72 -3.80
N ASP A 426 17.15 15.51 -3.96
CA ASP A 426 16.33 14.82 -2.96
C ASP A 426 17.17 13.87 -2.12
N TYR A 427 18.17 14.48 -1.45
CA TYR A 427 19.08 13.68 -0.59
C TYR A 427 18.31 13.05 0.56
N THR A 428 17.22 13.68 1.01
CA THR A 428 16.44 13.08 2.09
C THR A 428 15.84 11.73 1.69
N ARG A 429 15.56 11.59 0.38
CA ARG A 429 15.01 10.36 -0.18
C ARG A 429 16.09 9.29 -0.23
N ILE A 430 17.28 9.65 -0.73
CA ILE A 430 18.43 8.70 -0.67
C ILE A 430 18.62 8.19 0.77
N ASP A 431 18.61 9.10 1.74
CA ASP A 431 18.79 8.66 3.13
C ASP A 431 17.70 7.69 3.58
N TYR A 432 16.43 8.06 3.30
CA TYR A 432 15.32 7.18 3.69
C TYR A 432 15.48 5.79 3.05
N LEU A 433 15.67 5.78 1.73
CA LEU A 433 15.74 4.50 1.03
C LEU A 433 16.94 3.65 1.43
N CYS A 434 18.13 4.24 1.54
CA CYS A 434 19.30 3.45 1.91
C CYS A 434 19.22 2.96 3.33
N SER A 435 18.69 3.81 4.24
CA SER A 435 18.63 3.36 5.65
C SER A 435 17.74 2.16 5.84
N HIS A 436 16.61 2.13 5.11
CA HIS A 436 15.70 0.98 5.13
C HIS A 436 16.32 -0.23 4.42
N LEU A 437 16.98 0.00 3.29
CA LEU A 437 17.61 -1.13 2.60
C LEU A 437 18.72 -1.72 3.46
N CYS A 438 19.47 -0.92 4.21
CA CYS A 438 20.51 -1.49 5.09
C CYS A 438 19.80 -2.43 6.05
N PHE A 439 18.73 -2.01 6.73
CA PHE A 439 18.05 -2.86 7.70
C PHE A 439 17.42 -4.08 7.09
N LEU A 440 16.98 -3.97 5.83
CA LEU A 440 16.36 -5.08 5.14
C LEU A 440 17.41 -6.14 4.87
N ASN A 441 18.54 -5.71 4.34
CA ASN A 441 19.65 -6.71 4.19
C ASN A 441 19.99 -7.30 5.52
N LYS A 442 20.05 -6.51 6.58
CA LYS A 442 20.45 -7.03 7.92
C LYS A 442 19.46 -8.07 8.43
N VAL A 443 18.14 -7.84 8.27
CA VAL A 443 17.18 -8.81 8.78
C VAL A 443 17.16 -10.10 7.94
N ILE A 444 17.45 -9.99 6.64
CA ILE A 444 17.50 -11.20 5.79
C ILE A 444 18.70 -12.04 6.24
N LYS A 445 19.82 -11.37 6.50
CA LYS A 445 21.02 -12.12 6.97
C LYS A 445 20.94 -12.64 8.38
N GLU A 446 20.42 -11.85 9.31
CA GLU A 446 20.44 -12.20 10.72
C GLU A 446 19.25 -13.06 11.13
N LYS A 447 18.09 -12.85 10.49
CA LYS A 447 16.92 -13.60 10.89
C LYS A 447 16.43 -14.55 9.82
N ASP A 448 17.03 -14.54 8.62
CA ASP A 448 16.67 -15.46 7.58
C ASP A 448 15.24 -15.30 7.10
N VAL A 449 14.73 -14.08 7.15
CA VAL A 449 13.41 -13.80 6.63
C VAL A 449 13.49 -13.95 5.12
N ASN A 450 12.46 -14.62 4.58
CA ASN A 450 12.35 -14.93 3.16
C ASN A 450 11.81 -13.75 2.37
N VAL A 451 12.64 -12.69 2.28
CA VAL A 451 12.33 -11.53 1.46
C VAL A 451 13.05 -11.66 0.11
N LYS A 452 12.31 -11.56 -0.99
CA LYS A 452 12.89 -11.82 -2.31
C LYS A 452 12.89 -10.63 -3.25
N GLY A 453 12.36 -9.45 -2.84
CA GLY A 453 12.42 -8.25 -3.68
C GLY A 453 11.95 -7.03 -2.87
N TYR A 454 12.26 -5.90 -3.48
CA TYR A 454 12.01 -4.58 -2.93
C TYR A 454 11.60 -3.66 -4.05
N LEU A 455 10.51 -2.95 -3.87
CA LEU A 455 9.92 -2.04 -4.87
C LEU A 455 9.65 -0.69 -4.19
N ALA A 456 10.52 0.27 -4.46
CA ALA A 456 10.40 1.58 -3.81
C ALA A 456 9.19 2.30 -4.37
N TRP A 457 8.55 3.07 -3.50
CA TRP A 457 7.45 3.91 -3.90
C TRP A 457 7.96 5.36 -4.13
N ALA A 458 8.10 5.97 -5.24
CA ALA A 458 7.33 5.74 -6.43
C ALA A 458 8.26 5.84 -7.65
N LEU A 459 7.86 5.20 -8.78
CA LEU A 459 8.63 5.37 -10.02
C LEU A 459 8.86 6.85 -10.29
N GLY A 460 7.77 7.63 -10.29
CA GLY A 460 7.80 9.03 -10.58
C GLY A 460 6.75 9.78 -9.76
N ASP A 461 6.83 11.11 -9.86
CA ASP A 461 5.86 11.94 -9.14
C ASP A 461 4.48 11.66 -9.69
N ASN A 462 3.45 11.67 -8.82
CA ASN A 462 2.11 11.29 -9.26
C ASN A 462 1.08 12.00 -8.39
N TYR A 463 -0.18 11.69 -8.61
CA TYR A 463 -1.22 12.21 -7.68
C TYR A 463 -1.05 11.36 -6.40
N GLU A 464 -0.86 11.98 -5.25
CA GLU A 464 -0.80 11.29 -3.95
C GLU A 464 -2.17 11.33 -3.27
N PHE A 465 -2.70 10.14 -2.97
CA PHE A 465 -3.97 10.06 -2.30
C PHE A 465 -4.00 11.05 -1.15
N ASN A 466 -5.05 11.85 -1.00
CA ASN A 466 -5.22 12.80 0.10
C ASN A 466 -4.40 14.05 -0.01
N LYS A 467 -3.37 14.15 -0.84
CA LYS A 467 -2.45 15.28 -0.85
C LYS A 467 -2.38 15.94 -2.21
N GLY A 468 -3.06 15.36 -3.21
CA GLY A 468 -2.96 16.01 -4.53
C GLY A 468 -1.58 15.97 -5.07
N PHE A 469 -1.05 17.12 -5.53
CA PHE A 469 0.27 17.30 -6.07
C PHE A 469 1.09 18.15 -5.08
N THR A 470 0.63 18.20 -3.81
CA THR A 470 1.36 19.00 -2.82
C THR A 470 2.57 18.32 -2.20
N VAL A 471 2.74 17.04 -2.53
CA VAL A 471 3.95 16.32 -2.15
C VAL A 471 4.39 15.53 -3.38
N ARG A 472 5.67 15.14 -3.35
CA ARG A 472 6.23 14.33 -4.40
C ARG A 472 6.89 13.09 -3.82
N PHE A 473 6.64 11.91 -4.40
CA PHE A 473 7.27 10.68 -3.92
C PHE A 473 8.15 10.00 -4.96
N GLY A 474 8.25 10.57 -6.18
CA GLY A 474 8.99 9.89 -7.22
C GLY A 474 10.50 9.86 -7.02
N LEU A 475 11.09 8.82 -7.60
CA LEU A 475 12.53 8.72 -7.78
C LEU A 475 12.89 9.43 -9.09
N SER A 476 11.90 9.82 -9.90
CA SER A 476 12.02 10.57 -11.13
C SER A 476 10.96 11.70 -11.04
N TYR A 477 11.45 12.86 -11.44
CA TYR A 477 10.68 14.09 -11.41
C TYR A 477 9.79 14.28 -12.61
N ILE A 478 8.60 14.81 -12.42
CA ILE A 478 7.63 15.15 -13.48
C ILE A 478 7.21 16.59 -13.29
N ASP A 479 7.28 17.37 -14.38
CA ASP A 479 6.87 18.77 -14.37
C ASP A 479 5.38 18.81 -14.65
N TRP A 480 4.56 19.34 -13.77
CA TRP A 480 3.13 19.36 -13.92
C TRP A 480 2.67 20.27 -15.06
N ASN A 481 3.56 21.11 -15.58
CA ASN A 481 3.17 21.94 -16.70
C ASN A 481 3.44 21.24 -18.03
N ASN A 482 4.19 20.17 -17.97
CA ASN A 482 4.45 19.35 -19.14
C ASN A 482 4.94 17.96 -18.75
N VAL A 483 3.97 17.08 -18.53
CA VAL A 483 4.26 15.77 -17.95
C VAL A 483 4.97 14.75 -18.78
N THR A 484 5.40 15.00 -20.00
CA THR A 484 6.00 13.95 -20.80
C THR A 484 7.20 13.26 -20.15
N ASP A 485 8.19 14.06 -19.78
CA ASP A 485 9.40 13.50 -19.23
C ASP A 485 9.31 13.07 -17.78
N ARG A 486 10.14 12.07 -17.45
CA ARG A 486 10.31 11.55 -16.11
C ARG A 486 11.83 11.61 -15.91
N ASP A 487 12.33 12.58 -15.15
CA ASP A 487 13.79 12.75 -15.07
C ASP A 487 14.35 12.19 -13.78
N LEU A 488 15.30 11.25 -13.84
CA LEU A 488 15.81 10.75 -12.55
C LEU A 488 16.32 11.87 -11.67
N LYS A 489 15.86 11.83 -10.41
CA LYS A 489 16.31 12.74 -9.40
C LYS A 489 17.64 12.21 -8.85
N LYS A 490 18.26 12.93 -7.90
CA LYS A 490 19.45 12.35 -7.25
C LYS A 490 19.13 10.98 -6.68
N SER A 491 17.98 10.74 -6.08
CA SER A 491 17.57 9.44 -5.57
C SER A 491 17.57 8.40 -6.69
N GLY A 492 16.96 8.74 -7.81
CA GLY A 492 16.93 7.82 -8.95
C GLY A 492 18.33 7.43 -9.43
N GLN A 493 19.20 8.46 -9.51
CA GLN A 493 20.57 8.30 -9.90
C GLN A 493 21.30 7.46 -8.87
N TRP A 494 21.09 7.68 -7.60
CA TRP A 494 21.71 6.83 -6.59
C TRP A 494 21.19 5.39 -6.72
N TYR A 495 19.88 5.19 -6.89
CA TYR A 495 19.30 3.85 -6.96
C TYR A 495 19.85 3.10 -8.17
N GLN A 496 20.07 3.82 -9.26
CA GLN A 496 20.70 3.22 -10.48
C GLN A 496 22.06 2.65 -10.09
N SER A 497 22.87 3.42 -9.36
CA SER A 497 24.20 2.96 -8.94
C SER A 497 24.10 1.85 -7.92
N PHE A 498 23.12 1.91 -7.01
CA PHE A 498 22.94 0.82 -6.05
C PHE A 498 22.59 -0.47 -6.78
N ILE A 499 21.76 -0.37 -7.79
CA ILE A 499 21.35 -1.55 -8.57
C ILE A 499 22.51 -2.14 -9.39
N SER A 500 23.31 -1.29 -10.02
CA SER A 500 24.43 -1.69 -10.89
C SER A 500 25.70 -0.89 -10.53
N PRO A 501 26.28 -1.46 -9.38
CA PRO A 501 27.38 -0.71 -8.74
C PRO A 501 28.74 -0.77 -9.42
C1 NAG B . -23.70 1.93 14.40
C2 NAG B . -24.62 3.02 14.99
C3 NAG B . -24.72 2.45 16.45
C4 NAG B . -25.33 1.10 16.42
C5 NAG B . -24.42 0.12 15.49
C6 NAG B . -25.12 -1.21 15.34
C7 NAG B . -24.27 5.27 14.31
C8 NAG B . -23.45 6.50 14.55
N2 NAG B . -23.81 4.21 14.91
O3 NAG B . -25.60 3.31 17.15
O4 NAG B . -25.08 0.49 17.76
O5 NAG B . -24.37 0.72 14.12
O6 NAG B . -26.19 -1.14 14.36
O7 NAG B . -25.25 5.22 13.44
C1 NAG B . -26.20 -0.01 18.26
C2 NAG B . -25.98 -1.03 19.38
C3 NAG B . -27.31 -1.43 19.86
C4 NAG B . -28.44 -0.61 19.33
C5 NAG B . -28.41 0.50 18.37
C6 NAG B . -29.26 1.61 18.72
C7 NAG B . -24.13 -2.55 18.99
C8 NAG B . -23.64 -3.86 18.36
N2 NAG B . -25.42 -2.26 18.81
O3 NAG B . -27.25 -1.73 21.25
O4 NAG B . -29.32 -0.23 20.34
O5 NAG B . -27.06 1.09 18.51
O6 NAG B . -28.71 2.02 20.01
O7 NAG B . -23.30 -1.72 19.44
C1 NAG C . 7.13 5.56 32.78
C2 NAG C . 7.12 7.03 33.23
C3 NAG C . 7.60 6.78 34.71
C4 NAG C . 6.51 5.95 35.37
C5 NAG C . 6.51 4.55 34.72
C6 NAG C . 5.55 3.50 35.28
C7 NAG C . 7.89 8.82 31.85
C8 NAG C . 9.17 9.42 31.28
N2 NAG C . 8.20 7.68 32.49
O3 NAG C . 7.52 8.14 35.24
O4 NAG C . 6.98 5.70 36.75
O5 NAG C . 6.06 4.79 33.34
O6 NAG C . 4.23 4.08 35.30
O7 NAG C . 6.79 9.38 31.80
C1 NAG C . 5.98 5.92 37.68
C2 NAG C . 6.52 5.46 39.07
C3 NAG C . 5.50 5.75 40.12
C4 NAG C . 5.04 7.20 40.07
C5 NAG C . 4.57 7.58 38.65
C6 NAG C . 4.30 9.08 38.50
C7 NAG C . 7.93 3.50 39.03
C8 NAG C . 8.05 1.99 38.97
N2 NAG C . 6.71 4.01 39.01
O3 NAG C . 6.14 5.54 41.39
O4 NAG C . 3.97 7.43 40.96
O5 NAG C . 5.60 7.28 37.70
O6 NAG C . 3.55 9.20 37.27
O7 NAG C . 8.98 4.23 39.01
C1 BMA C . 4.04 8.54 41.77
C2 BMA C . 2.67 8.88 42.30
C3 BMA C . 2.77 9.99 43.25
C4 BMA C . 3.78 9.79 44.35
C5 BMA C . 5.18 9.48 43.66
C6 BMA C . 6.34 9.13 44.62
O2 BMA C . 2.12 7.73 42.92
O3 BMA C . 1.61 10.74 43.63
O4 BMA C . 3.88 11.01 45.09
O5 BMA C . 4.96 8.26 42.87
O6 BMA C . 5.84 8.17 45.63
C1 XYP C . 1.06 7.11 42.24
C2 XYP C . 0.89 5.70 42.70
C3 XYP C . -0.35 4.98 42.16
C4 XYP C . -1.58 5.88 42.39
C5 XYP C . -1.26 7.23 41.72
O2 XYP C . 1.98 4.87 42.31
O3 XYP C . -0.48 3.70 42.88
O4 XYP C . -2.72 5.34 41.72
O5 XYP C . -0.15 7.87 42.40
C1 FUC C . 8.77 8.79 35.30
C2 FUC C . 8.50 10.28 35.63
C3 FUC C . 7.79 10.32 37.01
C4 FUC C . 8.65 9.66 38.05
C5 FUC C . 9.01 8.23 37.66
C6 FUC C . 10.14 7.63 38.55
O2 FUC C . 7.53 10.85 34.70
O3 FUC C . 7.75 11.73 37.33
O4 FUC C . 9.87 10.39 38.22
O5 FUC C . 9.60 8.20 36.31
C1 NAG D . -7.03 -20.36 15.51
C2 NAG D . -6.98 -19.49 16.73
C3 NAG D . -7.54 -20.43 17.84
C4 NAG D . -8.86 -20.95 17.41
C5 NAG D . -8.74 -21.72 16.09
C6 NAG D . -10.14 -22.17 15.56
C7 NAG D . -5.25 -17.84 16.81
C8 NAG D . -3.81 -17.67 17.17
N2 NAG D . -5.61 -19.12 16.86
O3 NAG D . -7.76 -19.59 18.99
O4 NAG D . -9.40 -21.86 18.38
O5 NAG D . -8.25 -20.86 15.00
O6 NAG D . -9.97 -23.01 14.39
O7 NAG D . -6.14 -16.94 16.75
C1 NAG D . -10.71 -21.68 18.76
C2 NAG D . -11.06 -22.98 19.56
C3 NAG D . -12.39 -22.78 20.13
C4 NAG D . -12.48 -21.49 20.97
C5 NAG D . -12.05 -20.29 20.08
C6 NAG D . -12.11 -18.98 20.83
C7 NAG D . -10.25 -25.06 18.75
C8 NAG D . -10.45 -26.15 17.69
N2 NAG D . -11.21 -24.11 18.64
O3 NAG D . -12.66 -23.91 20.95
O4 NAG D . -13.87 -21.25 20.97
O5 NAG D . -10.74 -20.57 19.65
O6 NAG D . -11.80 -17.89 19.95
O7 NAG D . -9.32 -24.99 19.59
C1 BMA D . -14.40 -21.22 22.20
C2 BMA D . -15.51 -20.25 21.90
C3 BMA D . -16.03 -19.90 23.20
C4 BMA D . -16.33 -21.26 23.78
C5 BMA D . -15.46 -22.52 23.68
C6 BMA D . -15.45 -24.05 23.88
O2 BMA D . -16.62 -20.86 21.24
O3 BMA D . -17.27 -19.17 22.88
O4 BMA D . -17.48 -20.88 24.51
O5 BMA D . -14.88 -22.59 22.37
O6 BMA D . -16.49 -24.83 23.16
C1 XYP D . -16.83 -20.21 19.99
C2 XYP D . -17.20 -21.12 18.85
C3 XYP D . -17.55 -20.36 17.56
C4 XYP D . -18.76 -19.50 17.94
C5 XYP D . -18.33 -18.59 19.10
O2 XYP D . -16.13 -21.97 18.53
O3 XYP D . -17.74 -21.25 16.41
O4 XYP D . -19.17 -18.68 16.85
O5 XYP D . -17.95 -19.38 20.28
C1 MAN D . -17.46 -18.05 23.76
C2 MAN D . -18.84 -17.47 23.46
C3 MAN D . -19.01 -16.87 22.05
C4 MAN D . -17.92 -15.74 21.93
C5 MAN D . -16.55 -16.43 22.22
C6 MAN D . -15.37 -15.47 22.09
O2 MAN D . -19.10 -16.40 24.33
O3 MAN D . -20.28 -16.17 22.04
O4 MAN D . -17.93 -15.27 20.57
O5 MAN D . -16.45 -17.09 23.53
O6 MAN D . -14.25 -16.32 21.92
C1 FUC D . -6.54 -19.54 19.75
C2 FUC D . -6.70 -18.31 20.71
C3 FUC D . -7.98 -18.71 21.53
C4 FUC D . -7.88 -20.01 22.29
C5 FUC D . -7.61 -21.19 21.30
C6 FUC D . -7.03 -22.40 22.12
O2 FUC D . -7.10 -17.23 19.79
O3 FUC D . -8.18 -17.68 22.48
O4 FUC D . -6.70 -19.86 23.13
O5 FUC D . -6.51 -20.73 20.45
C1 NAG E . 29.10 -3.51 -2.74
C2 NAG E . 30.44 -3.24 -3.32
C3 NAG E . 31.30 -4.30 -2.68
C4 NAG E . 31.08 -4.26 -1.15
C5 NAG E . 29.62 -4.60 -0.78
C6 NAG E . 29.29 -4.61 0.69
C7 NAG E . 30.88 -2.34 -5.58
C8 NAG E . 30.99 -2.61 -7.03
N2 NAG E . 30.42 -3.35 -4.81
O3 NAG E . 32.62 -3.94 -3.03
O4 NAG E . 31.90 -5.23 -0.49
O5 NAG E . 28.84 -3.55 -1.37
O6 NAG E . 28.00 -5.11 0.91
O7 NAG E . 31.20 -1.32 -5.14
C1 NAG F . 22.47 -4.59 -15.60
C2 NAG F . 23.84 -4.02 -15.93
C3 NAG F . 24.61 -5.26 -16.37
C4 NAG F . 24.58 -6.23 -15.17
C5 NAG F . 23.13 -6.68 -14.89
C6 NAG F . 23.01 -7.61 -13.71
C7 NAG F . 23.93 -1.67 -16.79
C8 NAG F . 23.95 -0.87 -18.05
N2 NAG F . 23.68 -3.00 -16.98
O3 NAG F . 25.89 -4.75 -16.66
O4 NAG F . 25.35 -7.42 -15.48
O5 NAG F . 22.46 -5.45 -14.48
O6 NAG F . 23.60 -7.16 -12.53
O7 NAG F . 24.12 -1.20 -15.76
C1 NAG G . -13.17 -22.65 -12.72
C2 NAG G . -14.19 -22.05 -11.79
C3 NAG G . -15.30 -23.06 -12.06
C4 NAG G . -15.60 -23.03 -13.58
C5 NAG G . -14.39 -23.27 -14.52
C6 NAG G . -14.69 -23.05 -15.97
C7 NAG G . -13.08 -21.70 -9.39
C8 NAG G . -12.85 -20.53 -8.54
N2 NAG G . -13.81 -21.61 -10.48
O3 NAG G . -16.46 -22.63 -11.39
O4 NAG G . -16.51 -24.13 -13.86
O5 NAG G . -13.39 -22.31 -14.12
O6 NAG G . -15.02 -21.75 -16.30
O7 NAG G . -12.69 -22.75 -9.20
C1 NAG H . -14.71 20.98 3.12
C2 NAG H . -15.13 22.01 4.15
C3 NAG H . -16.30 21.61 4.99
C4 NAG H . -17.42 20.94 4.18
C5 NAG H . -16.92 19.93 3.13
C6 NAG H . -18.00 19.64 2.09
C7 NAG H . -13.29 23.26 5.31
C8 NAG H . -12.21 23.17 6.33
N2 NAG H . -13.92 22.09 5.03
O3 NAG H . -16.78 22.85 5.57
O4 NAG H . -18.20 20.15 5.10
O5 NAG H . -15.83 20.43 2.41
O6 NAG H . -17.60 18.55 1.29
O7 NAG H . -13.58 24.25 4.81
C1 NAG I . -15.69 13.10 19.96
C2 NAG I . -15.38 13.53 21.41
C3 NAG I . -14.33 14.62 21.44
C4 NAG I . -13.08 14.28 20.60
C5 NAG I . -13.53 13.82 19.19
C6 NAG I . -12.43 13.11 18.40
C7 NAG I . -17.45 13.31 22.82
C8 NAG I . -18.72 13.98 23.16
N2 NAG I . -16.62 14.04 22.05
O3 NAG I . -13.97 14.77 22.81
O4 NAG I . -12.20 15.40 20.48
O5 NAG I . -14.39 12.74 19.44
O6 NAG I . -12.67 11.73 18.36
O7 NAG I . -17.16 12.26 23.17
C1 NAG J . 7.38 19.26 -23.17
C2 NAG J . 7.59 20.08 -24.42
C3 NAG J . 8.03 19.21 -25.57
C4 NAG J . 9.16 18.30 -25.02
C5 NAG J . 8.59 17.35 -23.92
C6 NAG J . 9.68 16.46 -23.39
C7 NAG J . 6.18 22.11 -24.54
C8 NAG J . 4.91 22.65 -25.09
N2 NAG J . 6.31 20.77 -24.71
O3 NAG J . 8.55 20.11 -26.54
O4 NAG J . 9.73 17.58 -26.09
O5 NAG J . 8.23 18.18 -22.84
O6 NAG J . 10.70 17.24 -22.83
O7 NAG J . 6.98 22.76 -24.03
C1 LGC K . 0.66 3.70 -0.10
C2 LGC K . -0.23 3.51 -1.17
O5 LGC K . 1.59 4.73 0.14
O1 LGC K . 0.84 2.80 0.77
O2 LGC K . -0.43 2.17 -1.55
C3 LGC K . 0.23 4.39 -2.36
O3 LGC K . -0.90 4.50 -3.23
C4 LGC K . 0.57 5.76 -1.72
O4 LGC K . 0.88 6.74 -2.74
C5 LGC K . 1.93 5.57 -0.98
C6 LGC K . 2.61 6.76 -0.26
O6 LGC K . 1.66 7.42 0.67
ZN ZN L . -12.41 15.74 -13.39
S SO4 M . -26.72 3.09 3.18
O1 SO4 M . -26.16 3.03 4.59
O2 SO4 M . -27.60 1.91 2.99
O3 SO4 M . -25.66 3.28 2.25
O4 SO4 M . -27.67 4.27 3.26
S SO4 N . -26.88 -7.14 -14.77
O1 SO4 N . -26.56 -8.57 -14.56
O2 SO4 N . -25.97 -6.49 -15.75
O3 SO4 N . -26.82 -6.42 -13.45
O4 SO4 N . -28.31 -6.97 -15.28
S SO4 O . -3.05 6.62 11.98
O1 SO4 O . -3.36 5.12 12.02
O2 SO4 O . -2.72 7.02 10.62
O3 SO4 O . -1.87 6.91 12.79
O4 SO4 O . -4.30 7.38 12.32
S SO4 P . 23.19 5.43 14.66
O1 SO4 P . 22.33 4.26 14.77
O2 SO4 P . 24.61 5.03 14.33
O3 SO4 P . 23.29 6.07 16.00
O4 SO4 P . 22.63 6.40 13.70
S SO4 Q . -4.08 -2.56 30.46
O1 SO4 Q . -2.70 -2.88 30.89
O2 SO4 Q . -4.11 -1.03 30.33
O3 SO4 Q . -5.17 -2.75 31.45
O4 SO4 Q . -4.49 -3.20 29.18
S SO4 R . -14.62 -11.93 -21.98
O1 SO4 R . -13.47 -12.84 -21.59
O2 SO4 R . -15.59 -12.80 -22.73
O3 SO4 R . -14.00 -10.92 -22.87
O4 SO4 R . -15.37 -11.31 -20.81
S SO4 S . -11.19 24.37 0.84
O1 SO4 S . -9.98 23.50 0.70
O2 SO4 S . -10.76 25.77 1.22
O3 SO4 S . -12.10 23.85 1.91
O4 SO4 S . -11.94 24.42 -0.46
S SO4 T . -4.51 6.37 8.95
O1 SO4 T . -4.50 5.52 7.73
O2 SO4 T . -3.20 7.07 8.72
O3 SO4 T . -4.49 5.51 10.12
O4 SO4 T . -5.60 7.37 8.88
C1 GOL U . 3.21 -2.23 39.42
O1 GOL U . 3.54 -3.56 39.83
C2 GOL U . 2.89 -2.15 37.95
O2 GOL U . 4.05 -2.20 37.09
C3 GOL U . 2.23 -0.78 37.75
O3 GOL U . 2.49 -0.04 38.93
C1 GOL V . -17.75 8.30 -3.55
O1 GOL V . -17.26 9.42 -2.80
O1 GOL V . -17.06 7.77 -4.67
C2 GOL V . -19.10 7.87 -3.12
O2 GOL V . -19.86 6.88 -3.78
C3 GOL V . -20.02 9.07 -2.81
O3 GOL V . -20.37 9.67 -4.00
C1 GOL W . 6.55 -21.51 -15.63
O1 GOL W . 6.21 -20.94 -17.11
C2 GOL W . 6.06 -22.98 -15.16
O2 GOL W . 6.47 -23.77 -16.42
C3 GOL W . 4.65 -23.59 -14.78
O3 GOL W . 3.79 -24.22 -15.69
C1 GOL X . 11.68 -11.80 -18.55
O1 GOL X . 12.90 -11.08 -18.44
C2 GOL X . 11.19 -12.34 -17.23
O2 GOL X . 11.80 -13.55 -16.80
C3 GOL X . 11.40 -11.28 -16.14
O3 GOL X . 10.45 -11.68 -15.15
#